data_9PSA
#
_entry.id   9PSA
#
_cell.length_a   143.377
_cell.length_b   143.377
_cell.length_c   120.042
_cell.angle_alpha   90.000
_cell.angle_beta   90.000
_cell.angle_gamma   120.000
#
_symmetry.space_group_name_H-M   'P 62 2 2'
#
loop_
_entity.id
_entity.type
_entity.pdbx_description
1 polymer 'PUM-HD domain-containing protein'
2 polymer 'RNA III-9'
3 non-polymer GLYCEROL
4 non-polymer 'SULFATE ION'
5 water water
#
loop_
_entity_poly.entity_id
_entity_poly.type
_entity_poly.pdbx_seq_one_letter_code
_entity_poly.pdbx_strand_id
1 'polypeptide(L)'
;SGDGEGNVSDSVTLQDVLANDALVEFATDKNGCRFLQEHYPTENDNDVHQKLFRKLVEDRAIFLSLCSNMFGNFFVQRVL
ECSNTEEQEILTEHLATDLYNLCLDKSACRVIQLAIQKLDVHLATRLSLELRDTHLVRLSIDQNGNHVIQKIVKTLPVSS
WTFLVDFFADDDNLIHVCQDKYGCRVIQSTVETLSTDQYAQCYQHRVILLRSLMAGVTRNCTQLASNEFANYVVQHVIKC
GDALAVYRDIIIEQCLLQNLLSMSQEKYASHVVEVAFECAPYRLVAEMMNEIFEGYIPHPDTNRDALDILLFHQYGNYVV
QQMIQTCVLGQNARDQKQSEMYGMWLEKIHGRVMRNAHRLERFSSGKKIIEALQSMSLY
;
A
2 'polyribonucleotide' CUGUCAAAAUG B
#
loop_
_chem_comp.id
_chem_comp.type
_chem_comp.name
_chem_comp.formula
A RNA linking ADENOSINE-5'-MONOPHOSPHATE 'C10 H14 N5 O7 P'
C RNA linking CYTIDINE-5'-MONOPHOSPHATE 'C9 H14 N3 O8 P'
G RNA linking GUANOSINE-5'-MONOPHOSPHATE 'C10 H14 N5 O8 P'
GOL non-polymer GLYCEROL 'C3 H8 O3'
SO4 non-polymer 'SULFATE ION' 'O4 S -2'
U RNA linking URIDINE-5'-MONOPHOSPHATE 'C9 H13 N2 O9 P'
#
# COMPACT_ATOMS: atom_id res chain seq x y z
N VAL A 12 -17.27 9.41 42.96
CA VAL A 12 -16.00 9.97 42.53
C VAL A 12 -16.21 11.04 41.45
N THR A 13 -15.42 12.10 41.52
CA THR A 13 -15.44 13.19 40.56
C THR A 13 -14.02 13.53 40.15
N LEU A 14 -13.87 14.52 39.26
CA LEU A 14 -12.56 14.93 38.77
C LEU A 14 -11.81 15.79 39.77
N GLN A 15 -12.52 16.51 40.64
CA GLN A 15 -11.87 17.26 41.70
C GLN A 15 -11.18 16.33 42.69
N ASP A 16 -11.72 15.11 42.84
CA ASP A 16 -11.08 14.09 43.65
C ASP A 16 -9.71 13.71 43.08
N VAL A 17 -9.61 13.55 41.76
CA VAL A 17 -8.34 13.10 41.19
C VAL A 17 -7.37 14.26 41.05
N LEU A 18 -7.87 15.50 40.97
CA LEU A 18 -6.97 16.64 40.97
C LEU A 18 -6.42 16.90 42.36
N ALA A 19 -7.25 16.71 43.39
CA ALA A 19 -6.78 16.95 44.76
C ALA A 19 -5.87 15.83 45.26
N ASN A 20 -6.10 14.59 44.83
CA ASN A 20 -5.29 13.46 45.27
C ASN A 20 -4.03 13.28 44.43
N ASP A 21 -3.87 14.07 43.36
CA ASP A 21 -2.76 13.98 42.39
C ASP A 21 -2.66 12.56 41.82
N ALA A 22 -3.79 12.06 41.33
CA ALA A 22 -3.94 10.66 40.92
C ALA A 22 -4.39 10.53 39.48
N LEU A 23 -3.85 11.37 38.60
CA LEU A 23 -4.15 11.26 37.17
C LEU A 23 -3.54 10.00 36.57
N VAL A 24 -2.30 9.70 36.94
CA VAL A 24 -1.62 8.49 36.47
C VAL A 24 -2.36 7.25 36.93
N GLU A 25 -2.82 7.26 38.19
CA GLU A 25 -3.44 6.07 38.77
C GLU A 25 -4.82 5.78 38.17
N PHE A 26 -5.54 6.78 37.67
CA PHE A 26 -6.75 6.40 36.96
C PHE A 26 -6.51 6.15 35.47
N ALA A 27 -5.55 6.84 34.86
CA ALA A 27 -5.34 6.67 33.42
C ALA A 27 -4.67 5.34 33.10
N THR A 28 -3.94 4.74 34.04
CA THR A 28 -3.38 3.41 33.86
C THR A 28 -4.40 2.30 34.11
N ASP A 29 -5.59 2.62 34.57
CA ASP A 29 -6.66 1.68 34.78
C ASP A 29 -7.65 1.78 33.62
N LYS A 30 -8.33 0.68 33.31
CA LYS A 30 -9.34 0.71 32.24
C LYS A 30 -10.52 1.60 32.63
N ASN A 31 -11.13 1.31 33.79
CA ASN A 31 -12.36 2.00 34.19
C ASN A 31 -12.09 3.46 34.56
N GLY A 32 -10.93 3.72 35.17
CA GLY A 32 -10.57 5.10 35.49
C GLY A 32 -10.31 5.95 34.26
N CYS A 33 -9.67 5.36 33.23
CA CYS A 33 -9.45 6.08 31.98
C CYS A 33 -10.76 6.30 31.23
N ARG A 34 -11.69 5.34 31.29
CA ARG A 34 -13.00 5.57 30.68
C ARG A 34 -13.78 6.64 31.43
N PHE A 35 -13.62 6.73 32.76
CA PHE A 35 -14.19 7.82 33.55
C PHE A 35 -13.61 9.17 33.15
N LEU A 36 -12.28 9.23 33.03
CA LEU A 36 -11.61 10.45 32.58
C LEU A 36 -12.06 10.86 31.18
N GLN A 37 -12.25 9.88 30.31
CA GLN A 37 -12.64 10.22 28.91
C GLN A 37 -14.08 10.72 28.89
N GLU A 38 -14.97 10.08 29.66
CA GLU A 38 -16.36 10.50 29.65
C GLU A 38 -16.56 11.86 30.31
N HIS A 39 -15.77 12.19 31.35
CA HIS A 39 -16.02 13.43 32.08
C HIS A 39 -15.04 14.54 31.78
N TYR A 40 -14.10 14.36 30.85
CA TYR A 40 -13.15 15.44 30.50
C TYR A 40 -13.89 16.56 29.79
N PRO A 41 -13.83 17.80 30.31
CA PRO A 41 -14.51 18.90 29.63
C PRO A 41 -13.87 19.22 28.29
N THR A 42 -14.73 19.54 27.31
CA THR A 42 -14.28 19.78 25.96
C THR A 42 -13.95 21.23 25.67
N GLU A 43 -14.55 22.16 26.41
CA GLU A 43 -14.27 23.58 26.21
C GLU A 43 -12.91 23.92 26.81
N ASN A 44 -12.10 24.66 26.06
CA ASN A 44 -10.71 24.91 26.43
C ASN A 44 -10.57 25.90 27.57
N ASP A 45 -11.60 26.67 27.88
CA ASP A 45 -11.53 27.66 28.95
C ASP A 45 -12.07 27.16 30.29
N ASN A 46 -12.48 25.89 30.37
CA ASN A 46 -12.91 25.34 31.65
C ASN A 46 -11.69 25.09 32.53
N ASP A 47 -11.86 25.34 33.84
CA ASP A 47 -10.74 25.23 34.78
C ASP A 47 -10.33 23.77 34.98
N VAL A 48 -11.30 22.85 35.03
CA VAL A 48 -10.98 21.44 35.24
C VAL A 48 -10.25 20.87 34.03
N HIS A 49 -10.66 21.30 32.83
CA HIS A 49 -9.94 21.05 31.58
C HIS A 49 -8.47 21.47 31.68
N GLN A 50 -8.23 22.70 32.13
CA GLN A 50 -6.88 23.23 32.20
C GLN A 50 -6.03 22.52 33.26
N LYS A 51 -6.62 22.22 34.42
CA LYS A 51 -5.90 21.53 35.49
C LYS A 51 -5.52 20.11 35.07
N LEU A 52 -6.44 19.39 34.41
CA LEU A 52 -6.11 18.07 33.89
C LEU A 52 -5.05 18.13 32.80
N PHE A 53 -5.10 19.16 31.94
CA PHE A 53 -4.08 19.30 30.90
C PHE A 53 -2.70 19.58 31.50
N ARG A 54 -2.63 20.46 32.51
CA ARG A 54 -1.37 20.75 33.19
C ARG A 54 -0.82 19.49 33.86
N LYS A 55 -1.69 18.72 34.52
CA LYS A 55 -1.25 17.46 35.12
C LYS A 55 -0.82 16.45 34.06
N LEU A 56 -1.33 16.55 32.84
CA LEU A 56 -0.86 15.65 31.80
C LEU A 56 0.52 16.04 31.27
N VAL A 57 0.79 17.34 31.07
CA VAL A 57 1.97 17.72 30.30
C VAL A 57 3.09 18.35 31.14
N GLU A 58 2.97 18.39 32.47
CA GLU A 58 3.99 19.10 33.24
C GLU A 58 5.27 18.29 33.42
N ASP A 59 5.20 16.96 33.34
CA ASP A 59 6.38 16.12 33.34
C ASP A 59 6.42 15.39 32.00
N ARG A 60 7.52 15.56 31.25
CA ARG A 60 7.66 14.94 29.93
C ARG A 60 7.70 13.41 30.03
N ALA A 61 8.38 12.88 31.05
CA ALA A 61 8.51 11.43 31.20
C ALA A 61 7.18 10.77 31.53
N ILE A 62 6.38 11.42 32.39
CA ILE A 62 5.04 10.96 32.70
C ILE A 62 4.15 10.96 31.45
N PHE A 63 4.24 12.04 30.66
CA PHE A 63 3.45 12.15 29.43
C PHE A 63 3.82 11.05 28.42
N LEU A 64 5.13 10.86 28.20
CA LEU A 64 5.56 9.86 27.23
C LEU A 64 5.31 8.44 27.71
N SER A 65 5.29 8.22 29.03
CA SER A 65 4.91 6.91 29.53
C SER A 65 3.40 6.68 29.43
N LEU A 66 2.59 7.73 29.59
CA LEU A 66 1.16 7.61 29.36
C LEU A 66 0.83 7.38 27.88
N CYS A 67 1.62 7.94 26.96
CA CYS A 67 1.44 7.63 25.55
C CYS A 67 1.75 6.17 25.25
N SER A 68 2.73 5.60 25.97
CA SER A 68 3.15 4.22 25.76
C SER A 68 2.24 3.20 26.42
N ASN A 69 1.27 3.63 27.20
CA ASN A 69 0.45 2.72 27.99
C ASN A 69 -0.66 2.10 27.15
N MET A 70 -1.05 0.88 27.53
CA MET A 70 -2.16 0.19 26.88
C MET A 70 -3.49 0.91 27.09
N PHE A 71 -3.74 1.41 28.30
CA PHE A 71 -4.98 2.17 28.54
C PHE A 71 -4.77 3.67 28.62
N GLY A 72 -3.56 4.12 28.94
CA GLY A 72 -3.32 5.54 29.12
C GLY A 72 -3.45 6.35 27.84
N ASN A 73 -2.94 5.79 26.74
CA ASN A 73 -2.91 6.46 25.42
C ASN A 73 -4.27 7.06 25.06
N PHE A 74 -5.33 6.32 25.28
CA PHE A 74 -6.68 6.74 24.90
C PHE A 74 -7.04 8.10 25.50
N PHE A 75 -6.66 8.33 26.77
CA PHE A 75 -6.90 9.63 27.39
C PHE A 75 -6.14 10.72 26.67
N VAL A 76 -4.88 10.43 26.29
CA VAL A 76 -4.08 11.35 25.49
C VAL A 76 -4.77 11.66 24.18
N GLN A 77 -5.34 10.63 23.57
CA GLN A 77 -6.06 10.80 22.29
C GLN A 77 -7.28 11.70 22.50
N ARG A 78 -7.96 11.60 23.63
CA ARG A 78 -9.10 12.48 23.90
C ARG A 78 -8.63 13.91 24.07
N VAL A 79 -7.45 14.10 24.68
CA VAL A 79 -6.88 15.43 24.82
C VAL A 79 -6.52 15.99 23.45
N LEU A 80 -6.16 15.12 22.49
CA LEU A 80 -5.92 15.60 21.13
C LEU A 80 -7.21 16.03 20.45
N GLU A 81 -8.33 15.38 20.79
CA GLU A 81 -9.58 15.71 20.10
C GLU A 81 -10.15 17.05 20.56
N CYS A 82 -9.79 17.47 21.77
CA CYS A 82 -10.34 18.70 22.35
C CYS A 82 -9.37 19.88 22.25
N SER A 83 -8.20 19.68 21.64
CA SER A 83 -7.11 20.64 21.78
C SER A 83 -7.22 21.79 20.79
N ASN A 84 -6.86 22.99 21.26
CA ASN A 84 -6.61 24.15 20.42
C ASN A 84 -5.10 24.31 20.22
N THR A 85 -4.71 25.42 19.59
CA THR A 85 -3.35 25.57 19.05
C THR A 85 -2.29 25.62 20.15
N GLU A 86 -2.58 26.34 21.25
CA GLU A 86 -1.64 26.45 22.36
C GLU A 86 -1.35 25.10 23.00
N GLU A 87 -2.39 24.28 23.17
CA GLU A 87 -2.19 22.94 23.71
C GLU A 87 -1.41 22.07 22.73
N GLN A 88 -1.68 22.24 21.43
CA GLN A 88 -1.03 21.43 20.41
C GLN A 88 0.46 21.74 20.27
N GLU A 89 0.87 22.98 20.56
CA GLU A 89 2.31 23.31 20.52
C GLU A 89 3.10 22.52 21.57
N ILE A 90 2.57 22.48 22.80
CA ILE A 90 3.20 21.73 23.88
C ILE A 90 3.21 20.24 23.58
N LEU A 91 2.08 19.73 23.07
CA LEU A 91 1.99 18.31 22.70
C LEU A 91 2.97 17.95 21.58
N THR A 92 3.13 18.84 20.59
CA THR A 92 4.06 18.60 19.49
C THR A 92 5.51 18.56 19.98
N GLU A 93 5.88 19.46 20.91
CA GLU A 93 7.23 19.42 21.47
C GLU A 93 7.51 18.13 22.23
N HIS A 94 6.57 17.70 23.09
CA HIS A 94 6.77 16.47 23.86
C HIS A 94 6.82 15.23 22.96
N LEU A 95 6.00 15.19 21.89
CA LEU A 95 6.06 14.05 20.99
C LEU A 95 7.35 14.05 20.16
N ALA A 96 7.82 15.24 19.78
CA ALA A 96 9.03 15.36 18.96
C ALA A 96 10.26 14.91 19.72
N THR A 97 10.26 15.02 21.05
CA THR A 97 11.42 14.55 21.81
C THR A 97 11.65 13.03 21.76
N ASP A 98 10.63 12.21 21.42
CA ASP A 98 10.87 10.77 21.38
C ASP A 98 10.13 10.10 20.20
N LEU A 99 9.90 10.86 19.12
CA LEU A 99 9.02 10.46 18.01
C LEU A 99 9.36 9.10 17.39
N TYR A 100 10.64 8.79 17.19
CA TYR A 100 11.01 7.53 16.51
C TYR A 100 10.61 6.30 17.32
N ASN A 101 10.90 6.28 18.62
CA ASN A 101 10.43 5.16 19.44
C ASN A 101 8.92 5.21 19.68
N LEU A 102 8.31 6.41 19.63
CA LEU A 102 6.86 6.47 19.76
C LEU A 102 6.17 5.83 18.55
N CYS A 103 6.75 5.98 17.36
CA CYS A 103 6.17 5.37 16.17
C CYS A 103 6.27 3.86 16.17
N LEU A 104 7.29 3.30 16.84
CA LEU A 104 7.48 1.86 16.84
C LEU A 104 6.67 1.16 17.94
N ASP A 105 6.06 1.91 18.85
CA ASP A 105 5.33 1.33 19.98
C ASP A 105 3.92 0.96 19.54
N LYS A 106 3.40 -0.15 20.09
CA LYS A 106 2.06 -0.61 19.73
C LYS A 106 0.98 0.36 20.22
N SER A 107 1.21 1.04 21.34
CA SER A 107 0.23 1.97 21.87
C SER A 107 0.45 3.39 21.37
N ALA A 108 1.70 3.86 21.38
CA ALA A 108 1.98 5.27 21.09
C ALA A 108 1.84 5.61 19.62
N CYS A 109 1.95 4.62 18.71
CA CYS A 109 1.82 4.92 17.29
C CYS A 109 0.42 5.39 16.94
N ARG A 110 -0.59 4.90 17.66
CA ARG A 110 -1.96 5.38 17.43
C ARG A 110 -2.12 6.84 17.84
N VAL A 111 -1.45 7.24 18.93
CA VAL A 111 -1.39 8.64 19.32
C VAL A 111 -0.73 9.46 18.23
N ILE A 112 0.33 8.92 17.61
CA ILE A 112 1.00 9.65 16.53
C ILE A 112 0.10 9.80 15.31
N GLN A 113 -0.64 8.74 14.98
CA GLN A 113 -1.53 8.76 13.80
C GLN A 113 -2.67 9.76 14.02
N LEU A 114 -3.28 9.75 15.20
CA LEU A 114 -4.32 10.72 15.53
C LEU A 114 -3.77 12.13 15.54
N ALA A 115 -2.52 12.30 15.99
CA ALA A 115 -1.87 13.60 15.92
C ALA A 115 -1.66 14.07 14.48
N ILE A 116 -1.33 13.15 13.58
CA ILE A 116 -1.22 13.50 12.16
C ILE A 116 -2.55 13.99 11.62
N GLN A 117 -3.65 13.35 12.02
CA GLN A 117 -4.94 13.80 11.52
C GLN A 117 -5.40 15.10 12.18
N LYS A 118 -5.16 15.28 13.47
CA LYS A 118 -5.83 16.33 14.25
C LYS A 118 -5.01 17.60 14.44
N LEU A 119 -3.68 17.55 14.41
CA LEU A 119 -2.89 18.75 14.64
C LEU A 119 -3.01 19.72 13.47
N ASP A 120 -2.66 20.98 13.73
CA ASP A 120 -2.54 21.96 12.68
C ASP A 120 -1.40 21.57 11.74
N VAL A 121 -1.55 21.95 10.47
CA VAL A 121 -0.76 21.36 9.37
C VAL A 121 0.73 21.69 9.51
N HIS A 122 1.08 22.87 10.03
CA HIS A 122 2.50 23.17 10.24
C HIS A 122 3.10 22.35 11.39
N LEU A 123 2.30 22.02 12.40
CA LEU A 123 2.78 21.20 13.52
C LEU A 123 3.03 19.75 13.09
N ALA A 124 2.06 19.18 12.35
CA ALA A 124 2.23 17.85 11.81
C ALA A 124 3.32 17.80 10.75
N THR A 125 3.51 18.91 10.02
CA THR A 125 4.64 19.03 9.10
C THR A 125 5.97 18.97 9.83
N ARG A 126 6.05 19.66 10.99
CA ARG A 126 7.24 19.59 11.83
C ARG A 126 7.52 18.17 12.29
N LEU A 127 6.47 17.46 12.74
CA LEU A 127 6.67 16.07 13.17
C LEU A 127 7.05 15.16 12.02
N SER A 128 6.49 15.40 10.83
CA SER A 128 6.86 14.60 9.66
C SER A 128 8.33 14.83 9.29
N LEU A 129 8.79 16.08 9.34
CA LEU A 129 10.17 16.37 8.98
C LEU A 129 11.17 15.98 10.08
N GLU A 130 10.69 15.70 11.31
CA GLU A 130 11.59 15.16 12.34
C GLU A 130 12.12 13.78 11.95
N LEU A 131 11.37 13.03 11.16
CA LEU A 131 11.73 11.66 10.81
C LEU A 131 12.72 11.56 9.66
N ARG A 132 13.12 12.69 9.06
CA ARG A 132 13.90 12.70 7.82
C ARG A 132 15.29 12.10 8.02
N ASP A 133 15.89 12.29 9.19
CA ASP A 133 17.23 11.80 9.47
C ASP A 133 17.24 10.60 10.42
N THR A 134 16.10 9.90 10.50
CA THR A 134 16.02 8.68 11.32
C THR A 134 16.28 7.47 10.40
N HIS A 135 16.03 6.26 10.88
CA HIS A 135 16.16 5.05 10.02
C HIS A 135 14.82 4.80 9.36
N LEU A 136 14.63 5.29 8.13
CA LEU A 136 13.30 5.22 7.48
C LEU A 136 12.97 3.81 6.97
N VAL A 137 13.96 3.01 6.60
CA VAL A 137 13.64 1.63 6.18
C VAL A 137 13.07 0.89 7.39
N ARG A 138 13.71 1.00 8.54
CA ARG A 138 13.26 0.27 9.74
C ARG A 138 11.87 0.74 10.13
N LEU A 139 11.60 2.04 9.98
CA LEU A 139 10.28 2.61 10.36
C LEU A 139 9.24 2.15 9.34
N SER A 140 9.63 2.00 8.08
CA SER A 140 8.66 1.63 7.03
C SER A 140 8.37 0.12 7.08
N ILE A 141 9.24 -0.67 7.72
CA ILE A 141 9.00 -2.11 7.74
C ILE A 141 8.48 -2.61 9.07
N ASP A 142 8.35 -1.74 10.07
CA ASP A 142 7.80 -2.17 11.35
C ASP A 142 6.30 -2.43 11.23
N GLN A 143 5.81 -3.32 12.09
CA GLN A 143 4.38 -3.62 12.17
C GLN A 143 3.58 -2.39 12.59
N ASN A 144 4.18 -1.49 13.37
CA ASN A 144 3.55 -0.29 13.88
C ASN A 144 3.84 0.95 13.03
N GLY A 145 5.12 1.22 12.74
CA GLY A 145 5.51 2.48 12.11
C GLY A 145 5.12 2.62 10.65
N ASN A 146 4.80 1.51 10.00
CA ASN A 146 4.38 1.52 8.57
C ASN A 146 3.11 2.36 8.46
N HIS A 147 2.17 2.15 9.38
CA HIS A 147 0.91 2.88 9.41
C HIS A 147 1.13 4.36 9.67
N VAL A 148 2.15 4.71 10.46
CA VAL A 148 2.50 6.12 10.66
C VAL A 148 2.98 6.74 9.36
N ILE A 149 3.83 6.02 8.62
CA ILE A 149 4.32 6.52 7.33
C ILE A 149 3.17 6.70 6.35
N GLN A 150 2.28 5.72 6.30
CA GLN A 150 1.12 5.79 5.38
C GLN A 150 0.19 6.93 5.79
N LYS A 151 0.01 7.14 7.09
CA LYS A 151 -0.84 8.21 7.57
C LYS A 151 -0.29 9.58 7.16
N ILE A 152 1.04 9.73 7.24
CA ILE A 152 1.68 10.97 6.78
C ILE A 152 1.48 11.15 5.28
N VAL A 153 1.67 10.09 4.49
CA VAL A 153 1.58 10.20 3.03
C VAL A 153 0.15 10.47 2.59
N LYS A 154 -0.83 9.80 3.18
CA LYS A 154 -2.22 9.96 2.77
C LYS A 154 -2.91 11.15 3.42
N THR A 155 -2.31 11.78 4.44
CA THR A 155 -2.94 12.89 5.14
C THR A 155 -2.33 14.25 4.79
N LEU A 156 -1.01 14.39 4.93
CA LEU A 156 -0.35 15.67 4.84
C LEU A 156 -0.11 16.08 3.38
N PRO A 157 0.08 17.37 3.11
CA PRO A 157 0.50 17.77 1.76
C PRO A 157 1.91 17.30 1.44
N VAL A 158 2.20 17.24 0.14
CA VAL A 158 3.37 16.54 -0.38
C VAL A 158 4.67 17.18 0.06
N SER A 159 4.69 18.51 0.19
CA SER A 159 5.90 19.22 0.62
C SER A 159 6.33 18.87 2.04
N SER A 160 5.42 18.30 2.84
CA SER A 160 5.76 17.78 4.14
C SER A 160 6.48 16.43 4.06
N TRP A 161 6.45 15.74 2.91
CA TRP A 161 7.06 14.41 2.84
C TRP A 161 7.79 14.07 1.53
N THR A 162 8.27 15.07 0.77
CA THR A 162 9.06 14.78 -0.44
C THR A 162 10.40 14.10 -0.15
N PHE A 163 10.88 14.18 1.09
CA PHE A 163 12.11 13.46 1.45
C PHE A 163 11.93 11.96 1.34
N LEU A 164 10.69 11.46 1.50
CA LEU A 164 10.42 10.04 1.28
C LEU A 164 10.58 9.67 -0.20
N VAL A 165 10.15 10.55 -1.11
CA VAL A 165 10.33 10.30 -2.54
C VAL A 165 11.81 10.32 -2.89
N ASP A 166 12.58 11.25 -2.31
CA ASP A 166 14.03 11.26 -2.48
C ASP A 166 14.69 10.01 -1.90
N PHE A 167 14.19 9.54 -0.76
CA PHE A 167 14.73 8.35 -0.11
C PHE A 167 14.48 7.09 -0.94
N PHE A 168 13.26 6.95 -1.46
CA PHE A 168 12.89 5.79 -2.27
C PHE A 168 13.35 5.91 -3.71
N ALA A 169 13.92 7.05 -4.12
CA ALA A 169 14.58 7.14 -5.41
C ALA A 169 15.85 6.29 -5.46
N ASP A 170 16.49 6.03 -4.33
CA ASP A 170 17.59 5.09 -4.27
C ASP A 170 17.08 3.67 -4.49
N ASP A 171 17.82 2.90 -5.30
CA ASP A 171 17.35 1.58 -5.71
C ASP A 171 17.34 0.59 -4.55
N ASP A 172 18.39 0.59 -3.73
CA ASP A 172 18.48 -0.41 -2.64
C ASP A 172 17.35 -0.19 -1.64
N ASN A 173 17.06 1.06 -1.32
CA ASN A 173 16.01 1.38 -0.33
C ASN A 173 14.66 0.85 -0.86
N LEU A 174 14.37 1.11 -2.13
CA LEU A 174 13.06 0.68 -2.71
C LEU A 174 12.95 -0.83 -2.62
N ILE A 175 13.97 -1.55 -3.04
CA ILE A 175 13.88 -3.04 -3.07
C ILE A 175 13.60 -3.56 -1.66
N HIS A 176 14.34 -3.06 -0.67
CA HIS A 176 14.18 -3.58 0.71
C HIS A 176 12.77 -3.33 1.24
N VAL A 177 12.24 -2.12 1.01
CA VAL A 177 10.90 -1.76 1.55
C VAL A 177 9.82 -2.48 0.73
N CYS A 178 9.95 -2.48 -0.59
CA CYS A 178 8.91 -3.06 -1.47
C CYS A 178 8.82 -4.58 -1.25
N GLN A 179 9.92 -5.22 -0.88
CA GLN A 179 9.95 -6.69 -0.74
C GLN A 179 9.57 -7.08 0.68
N ASP A 180 9.19 -6.11 1.50
CA ASP A 180 8.81 -6.38 2.91
C ASP A 180 7.30 -6.56 3.01
N LYS A 181 6.86 -7.36 3.98
CA LYS A 181 5.44 -7.61 4.20
C LYS A 181 4.68 -6.30 4.40
N TYR A 182 5.30 -5.33 5.07
CA TYR A 182 4.61 -4.09 5.40
C TYR A 182 5.03 -2.92 4.54
N GLY A 183 6.28 -2.86 4.08
CA GLY A 183 6.74 -1.74 3.29
C GLY A 183 6.18 -1.71 1.87
N CYS A 184 5.72 -2.87 1.37
CA CYS A 184 5.05 -2.90 0.08
C CYS A 184 3.77 -2.08 0.11
N ARG A 185 3.05 -2.15 1.24
CA ARG A 185 1.88 -1.30 1.46
C ARG A 185 2.25 0.18 1.46
N VAL A 186 3.41 0.53 2.03
CA VAL A 186 3.90 1.91 2.05
C VAL A 186 4.18 2.41 0.64
N ILE A 187 4.83 1.57 -0.17
CA ILE A 187 5.10 1.93 -1.57
C ILE A 187 3.79 2.10 -2.34
N GLN A 188 2.83 1.21 -2.11
CA GLN A 188 1.53 1.33 -2.79
C GLN A 188 0.88 2.65 -2.41
N SER A 189 0.79 2.97 -1.13
CA SER A 189 0.07 4.20 -0.70
C SER A 189 0.75 5.45 -1.29
N THR A 190 2.07 5.44 -1.41
CA THR A 190 2.82 6.63 -1.90
C THR A 190 2.52 6.80 -3.40
N VAL A 191 2.53 5.72 -4.15
CA VAL A 191 2.27 5.78 -5.63
C VAL A 191 0.84 6.28 -5.84
N GLU A 192 -0.11 5.75 -5.07
CA GLU A 192 -1.52 6.18 -5.21
C GLU A 192 -1.64 7.67 -4.93
N THR A 193 -1.12 8.12 -3.80
CA THR A 193 -1.28 9.55 -3.42
C THR A 193 -0.68 10.44 -4.50
N LEU A 194 0.42 10.02 -5.12
CA LEU A 194 1.10 10.88 -6.11
C LEU A 194 0.44 10.75 -7.48
N SER A 195 -0.49 9.80 -7.63
CA SER A 195 -1.14 9.56 -8.95
C SER A 195 -2.60 9.99 -8.91
N THR A 196 -3.27 9.80 -7.77
CA THR A 196 -4.70 10.19 -7.63
C THR A 196 -4.80 11.69 -7.80
N ASP A 197 -3.73 12.41 -7.47
CA ASP A 197 -3.72 13.88 -7.66
C ASP A 197 -3.00 14.17 -8.97
N GLN A 198 -2.38 15.34 -9.09
CA GLN A 198 -1.64 15.73 -10.32
C GLN A 198 -2.61 15.92 -11.50
N TYR A 199 -3.82 15.35 -11.39
CA TYR A 199 -4.84 15.52 -12.46
C TYR A 199 -5.39 16.95 -12.39
N ALA A 200 -5.64 17.44 -11.18
CA ALA A 200 -6.22 18.79 -10.99
C ALA A 200 -5.09 19.83 -11.05
N GLN A 201 -3.84 19.39 -10.99
CA GLN A 201 -2.71 20.35 -10.95
C GLN A 201 -2.51 20.98 -12.33
N CYS A 202 -1.84 22.14 -12.37
CA CYS A 202 -1.57 22.83 -13.65
C CYS A 202 -0.10 22.73 -14.00
N TYR A 203 0.78 22.48 -13.02
CA TYR A 203 2.21 22.50 -13.34
C TYR A 203 2.89 21.16 -13.15
N GLN A 204 2.13 20.10 -12.83
CA GLN A 204 2.60 18.71 -12.88
C GLN A 204 3.76 18.44 -11.90
N HIS A 205 3.67 19.01 -10.69
CA HIS A 205 4.72 18.80 -9.69
C HIS A 205 4.73 17.37 -9.18
N ARG A 206 3.55 16.76 -9.01
CA ARG A 206 3.47 15.42 -8.45
C ARG A 206 3.89 14.34 -9.44
N VAL A 207 3.72 14.57 -10.75
CA VAL A 207 4.07 13.49 -11.68
C VAL A 207 5.56 13.41 -11.90
N ILE A 208 6.31 14.49 -11.67
CA ILE A 208 7.77 14.41 -11.70
C ILE A 208 8.27 13.60 -10.52
N LEU A 209 7.67 13.81 -9.34
CA LEU A 209 7.99 13.01 -8.16
C LEU A 209 7.61 11.54 -8.38
N LEU A 210 6.46 11.32 -9.03
CA LEU A 210 6.04 9.96 -9.35
C LEU A 210 6.97 9.30 -10.35
N ARG A 211 7.52 10.07 -11.30
CA ARG A 211 8.48 9.49 -12.24
C ARG A 211 9.79 9.14 -11.54
N SER A 212 10.23 9.99 -10.61
CA SER A 212 11.41 9.70 -9.80
C SER A 212 11.20 8.44 -8.96
N LEU A 213 9.98 8.23 -8.46
CA LEU A 213 9.69 7.02 -7.71
C LEU A 213 9.59 5.79 -8.62
N MET A 214 8.89 5.90 -9.75
CA MET A 214 8.62 4.75 -10.61
C MET A 214 9.84 4.34 -11.45
N ALA A 215 10.88 5.18 -11.52
CA ALA A 215 12.09 4.81 -12.22
C ALA A 215 12.74 3.59 -11.59
N GLY A 216 12.78 3.52 -10.25
CA GLY A 216 13.31 2.34 -9.59
C GLY A 216 12.45 1.10 -9.79
N VAL A 217 11.13 1.28 -9.82
CA VAL A 217 10.20 0.16 -10.04
C VAL A 217 10.40 -0.44 -11.43
N THR A 218 10.46 0.41 -12.45
CA THR A 218 10.71 -0.08 -13.80
C THR A 218 12.14 -0.62 -13.96
N ARG A 219 13.09 -0.09 -13.17
CA ARG A 219 14.47 -0.53 -13.27
C ARG A 219 14.67 -1.90 -12.62
N ASN A 220 13.86 -2.25 -11.62
CA ASN A 220 14.07 -3.46 -10.83
C ASN A 220 12.88 -4.41 -10.85
N CYS A 221 11.94 -4.20 -11.76
CA CYS A 221 10.65 -4.90 -11.72
C CYS A 221 10.72 -6.39 -12.04
N THR A 222 11.81 -6.92 -12.59
CA THR A 222 11.90 -8.38 -12.72
C THR A 222 12.06 -9.05 -11.35
N GLN A 223 13.03 -8.56 -10.56
CA GLN A 223 13.21 -9.03 -9.19
C GLN A 223 11.99 -8.69 -8.33
N LEU A 224 11.39 -7.51 -8.55
CA LEU A 224 10.22 -7.14 -7.78
C LEU A 224 9.00 -8.00 -8.13
N ALA A 225 8.83 -8.39 -9.40
CA ALA A 225 7.71 -9.24 -9.78
C ALA A 225 7.91 -10.67 -9.31
N SER A 226 9.16 -11.12 -9.19
CA SER A 226 9.39 -12.48 -8.71
C SER A 226 9.25 -12.65 -7.20
N ASN A 227 9.05 -11.54 -6.48
CA ASN A 227 9.08 -11.58 -4.99
C ASN A 227 7.75 -11.93 -4.34
N GLU A 228 7.82 -12.45 -3.12
CA GLU A 228 6.66 -12.89 -2.36
C GLU A 228 5.73 -11.76 -1.94
N PHE A 229 6.25 -10.54 -1.79
CA PHE A 229 5.40 -9.41 -1.44
C PHE A 229 5.43 -8.29 -2.46
N ALA A 230 6.57 -8.05 -3.11
CA ALA A 230 6.67 -6.95 -4.06
C ALA A 230 5.85 -7.16 -5.32
N ASN A 231 5.47 -8.41 -5.58
CA ASN A 231 4.65 -8.76 -6.77
C ASN A 231 3.36 -7.94 -6.74
N TYR A 232 2.73 -7.83 -5.58
CA TYR A 232 1.50 -7.07 -5.39
C TYR A 232 1.67 -5.63 -5.88
N VAL A 233 2.81 -5.02 -5.53
CA VAL A 233 3.12 -3.66 -5.99
C VAL A 233 3.19 -3.62 -7.50
N VAL A 234 3.83 -4.61 -8.11
CA VAL A 234 3.96 -4.69 -9.55
C VAL A 234 2.58 -4.92 -10.18
N GLN A 235 1.69 -5.54 -9.44
CA GLN A 235 0.33 -5.81 -9.97
C GLN A 235 -0.52 -4.55 -9.85
N HIS A 236 -0.18 -3.66 -8.92
CA HIS A 236 -1.00 -2.47 -8.64
C HIS A 236 -0.90 -1.46 -9.78
N VAL A 237 0.34 -1.20 -10.22
CA VAL A 237 0.62 -0.35 -11.37
C VAL A 237 -0.09 -0.86 -12.61
N ILE A 238 0.07 -2.17 -12.88
CA ILE A 238 -0.54 -2.78 -14.06
C ILE A 238 -2.05 -2.76 -13.93
N LYS A 239 -2.58 -2.88 -12.71
CA LYS A 239 -4.01 -2.94 -12.55
C LYS A 239 -4.60 -1.54 -12.35
N CYS A 240 -3.75 -0.50 -12.34
CA CYS A 240 -4.21 0.83 -11.94
C CYS A 240 -5.14 1.44 -12.99
N GLY A 241 -4.66 1.59 -14.21
CA GLY A 241 -5.47 2.21 -15.24
C GLY A 241 -4.76 3.39 -15.88
N ASP A 242 -5.52 4.42 -16.26
CA ASP A 242 -4.97 5.54 -17.00
C ASP A 242 -4.09 6.44 -16.15
N ALA A 243 -4.16 6.33 -14.82
CA ALA A 243 -3.29 7.13 -13.96
C ALA A 243 -1.83 6.70 -14.09
N LEU A 244 -1.59 5.40 -14.20
CA LEU A 244 -0.25 4.84 -14.29
C LEU A 244 -0.03 4.05 -15.59
N ALA A 245 -0.78 4.41 -16.64
CA ALA A 245 -0.81 3.60 -17.86
C ALA A 245 0.53 3.58 -18.58
N VAL A 246 1.24 4.71 -18.54
CA VAL A 246 2.57 4.79 -19.14
C VAL A 246 3.54 3.83 -18.45
N TYR A 247 3.47 3.72 -17.11
CA TYR A 247 4.41 2.88 -16.40
C TYR A 247 4.05 1.40 -16.54
N ARG A 248 2.74 1.11 -16.59
CA ARG A 248 2.25 -0.20 -16.98
C ARG A 248 2.83 -0.66 -18.30
N ASP A 249 2.77 0.22 -19.31
CA ASP A 249 3.23 -0.15 -20.65
C ASP A 249 4.75 -0.28 -20.69
N ILE A 250 5.46 0.54 -19.92
CA ILE A 250 6.91 0.39 -19.77
C ILE A 250 7.26 -0.96 -19.15
N ILE A 251 6.54 -1.35 -18.09
CA ILE A 251 6.80 -2.65 -17.43
C ILE A 251 6.52 -3.81 -18.38
N ILE A 252 5.43 -3.72 -19.16
CA ILE A 252 5.08 -4.81 -20.07
C ILE A 252 6.08 -4.91 -21.22
N GLU A 253 6.49 -3.79 -21.82
CA GLU A 253 7.38 -3.88 -22.98
C GLU A 253 8.81 -4.23 -22.58
N GLN A 254 9.23 -3.90 -21.36
CA GLN A 254 10.61 -4.06 -20.93
C GLN A 254 10.82 -5.33 -20.10
N CYS A 255 9.96 -5.59 -19.12
CA CYS A 255 10.14 -6.77 -18.27
C CYS A 255 9.50 -8.01 -18.86
N LEU A 256 8.18 -7.96 -19.11
CA LEU A 256 7.44 -9.19 -19.34
C LEU A 256 7.68 -9.75 -20.73
N LEU A 257 7.73 -8.91 -21.76
CA LEU A 257 8.07 -9.36 -23.09
C LEU A 257 9.52 -9.83 -23.14
N GLN A 258 9.73 -10.91 -23.90
CA GLN A 258 10.93 -11.74 -24.00
C GLN A 258 11.26 -12.47 -22.70
N ASN A 259 10.33 -12.49 -21.73
CA ASN A 259 10.47 -13.26 -20.50
C ASN A 259 9.15 -13.91 -20.06
N LEU A 260 8.11 -13.91 -20.91
CA LEU A 260 6.81 -14.42 -20.50
C LEU A 260 6.81 -15.92 -20.23
N LEU A 261 7.67 -16.68 -20.92
CA LEU A 261 7.72 -18.12 -20.68
C LEU A 261 8.30 -18.42 -19.31
N SER A 262 9.31 -17.65 -18.88
CA SER A 262 9.93 -17.89 -17.58
C SER A 262 9.00 -17.50 -16.45
N MET A 263 8.43 -16.30 -16.49
CA MET A 263 7.66 -15.80 -15.36
C MET A 263 6.25 -16.34 -15.27
N SER A 264 5.73 -16.97 -16.33
CA SER A 264 4.48 -17.71 -16.17
C SER A 264 4.69 -19.01 -15.39
N GLN A 265 5.93 -19.44 -15.23
CA GLN A 265 6.27 -20.67 -14.52
C GLN A 265 6.72 -20.42 -13.10
N GLU A 266 6.84 -19.16 -12.67
CA GLU A 266 7.30 -18.85 -11.33
C GLU A 266 6.11 -18.74 -10.39
N LYS A 267 6.39 -19.00 -9.10
CA LYS A 267 5.36 -19.04 -8.08
C LYS A 267 4.63 -17.70 -7.92
N TYR A 268 5.37 -16.60 -7.95
CA TYR A 268 4.80 -15.28 -7.67
C TYR A 268 4.63 -14.43 -8.92
N ALA A 269 5.55 -14.50 -9.87
CA ALA A 269 5.49 -13.67 -11.07
C ALA A 269 4.39 -14.08 -12.03
N SER A 270 3.85 -15.31 -11.89
CA SER A 270 2.74 -15.74 -12.72
C SER A 270 1.50 -14.91 -12.46
N HIS A 271 1.32 -14.42 -11.23
CA HIS A 271 0.24 -13.48 -10.93
C HIS A 271 0.43 -12.17 -11.69
N VAL A 272 1.68 -11.70 -11.81
CA VAL A 272 1.98 -10.49 -12.57
C VAL A 272 1.67 -10.68 -14.05
N VAL A 273 2.04 -11.84 -14.61
CA VAL A 273 1.73 -12.16 -16.01
C VAL A 273 0.22 -12.24 -16.21
N GLU A 274 -0.49 -12.83 -15.26
CA GLU A 274 -1.94 -12.97 -15.31
C GLU A 274 -2.64 -11.62 -15.26
N VAL A 275 -2.21 -10.73 -14.36
CA VAL A 275 -2.74 -9.37 -14.29
C VAL A 275 -2.40 -8.58 -15.56
N ALA A 276 -1.24 -8.84 -16.17
CA ALA A 276 -0.87 -8.16 -17.41
C ALA A 276 -1.77 -8.59 -18.57
N PHE A 277 -2.07 -9.89 -18.68
CA PHE A 277 -3.06 -10.33 -19.66
C PHE A 277 -4.44 -9.74 -19.36
N GLU A 278 -4.78 -9.55 -18.09
CA GLU A 278 -6.08 -9.00 -17.74
C GLU A 278 -6.20 -7.52 -18.12
N CYS A 279 -5.15 -6.73 -17.87
CA CYS A 279 -5.22 -5.25 -17.97
C CYS A 279 -4.05 -4.71 -18.79
N ALA A 280 -4.24 -4.61 -20.11
CA ALA A 280 -3.21 -4.10 -20.99
C ALA A 280 -3.86 -3.58 -22.26
N PRO A 281 -3.23 -2.64 -22.96
CA PRO A 281 -3.70 -2.26 -24.29
C PRO A 281 -3.53 -3.37 -25.31
N TYR A 282 -4.30 -3.27 -26.40
CA TYR A 282 -4.40 -4.32 -27.42
C TYR A 282 -3.06 -4.60 -28.10
N ARG A 283 -2.26 -3.58 -28.35
CA ARG A 283 -0.94 -3.78 -28.97
C ARG A 283 -0.02 -4.64 -28.10
N LEU A 284 0.02 -4.36 -26.80
CA LEU A 284 0.85 -5.16 -25.92
C LEU A 284 0.29 -6.56 -25.70
N VAL A 285 -1.05 -6.68 -25.68
CA VAL A 285 -1.68 -8.00 -25.62
C VAL A 285 -1.35 -8.83 -26.85
N ALA A 286 -1.39 -8.20 -28.03
CA ALA A 286 -1.07 -8.89 -29.27
C ALA A 286 0.39 -9.32 -29.31
N GLU A 287 1.29 -8.48 -28.79
CA GLU A 287 2.70 -8.88 -28.73
C GLU A 287 2.93 -10.00 -27.73
N MET A 288 2.18 -10.01 -26.61
CA MET A 288 2.27 -11.12 -25.66
C MET A 288 1.75 -12.42 -26.26
N MET A 289 0.63 -12.37 -26.99
CA MET A 289 0.12 -13.57 -27.64
C MET A 289 1.07 -14.05 -28.74
N ASN A 290 1.76 -13.11 -29.40
CA ASN A 290 2.80 -13.47 -30.36
C ASN A 290 3.94 -14.22 -29.67
N GLU A 291 4.35 -13.77 -28.48
CA GLU A 291 5.42 -14.47 -27.77
C GLU A 291 4.98 -15.84 -27.28
N ILE A 292 3.73 -15.97 -26.81
CA ILE A 292 3.25 -17.26 -26.31
C ILE A 292 3.10 -18.27 -27.44
N PHE A 293 2.48 -17.86 -28.56
CA PHE A 293 2.25 -18.83 -29.64
C PHE A 293 3.46 -18.99 -30.57
N GLU A 294 4.55 -18.27 -30.35
CA GLU A 294 5.76 -18.44 -31.16
C GLU A 294 6.96 -18.36 -30.22
N GLY A 295 7.43 -19.52 -29.78
CA GLY A 295 8.56 -19.58 -28.87
C GLY A 295 9.91 -19.28 -29.53
N ARG A 304 7.17 -29.96 -28.43
CA ARG A 304 6.65 -29.33 -27.22
C ARG A 304 6.98 -27.84 -27.21
N ASP A 305 5.99 -27.01 -27.50
CA ASP A 305 6.16 -25.57 -27.52
C ASP A 305 5.60 -24.95 -26.24
N ALA A 306 5.56 -23.61 -26.21
CA ALA A 306 5.33 -22.87 -24.96
C ALA A 306 3.92 -23.07 -24.42
N LEU A 307 2.92 -23.16 -25.31
CA LEU A 307 1.55 -23.36 -24.86
C LEU A 307 1.36 -24.75 -24.26
N ASP A 308 2.04 -25.76 -24.82
CA ASP A 308 2.03 -27.10 -24.25
C ASP A 308 2.71 -27.13 -22.87
N ILE A 309 3.75 -26.32 -22.70
CA ILE A 309 4.40 -26.22 -21.39
C ILE A 309 3.46 -25.57 -20.38
N LEU A 310 2.78 -24.50 -20.79
CA LEU A 310 1.95 -23.77 -19.84
C LEU A 310 0.65 -24.50 -19.50
N LEU A 311 0.13 -25.33 -20.41
CA LEU A 311 -1.03 -26.14 -20.07
C LEU A 311 -0.70 -27.17 -19.00
N PHE A 312 0.50 -27.72 -19.04
CA PHE A 312 0.94 -28.78 -18.13
C PHE A 312 1.89 -28.26 -17.06
N HIS A 313 1.64 -27.05 -16.55
CA HIS A 313 2.47 -26.47 -15.50
C HIS A 313 1.58 -26.06 -14.35
N GLN A 314 2.12 -26.17 -13.11
CA GLN A 314 1.32 -25.89 -11.93
C GLN A 314 0.96 -24.40 -11.79
N TYR A 315 1.75 -23.50 -12.37
CA TYR A 315 1.47 -22.08 -12.29
C TYR A 315 1.01 -21.48 -13.62
N GLY A 316 1.55 -21.97 -14.74
CA GLY A 316 1.21 -21.44 -16.05
C GLY A 316 -0.19 -21.77 -16.53
N ASN A 317 -0.83 -22.75 -15.89
CA ASN A 317 -2.22 -23.14 -16.24
C ASN A 317 -3.14 -21.95 -15.99
N TYR A 318 -2.96 -21.27 -14.87
CA TYR A 318 -3.75 -20.09 -14.54
C TYR A 318 -3.51 -18.96 -15.54
N VAL A 319 -2.29 -18.85 -16.08
CA VAL A 319 -2.01 -17.89 -17.14
C VAL A 319 -2.78 -18.25 -18.40
N VAL A 320 -2.89 -19.54 -18.70
CA VAL A 320 -3.70 -20.00 -19.83
C VAL A 320 -5.19 -19.69 -19.61
N GLN A 321 -5.64 -19.88 -18.38
CA GLN A 321 -7.06 -19.59 -18.07
C GLN A 321 -7.31 -18.09 -18.26
N GLN A 322 -6.36 -17.25 -17.84
CA GLN A 322 -6.50 -15.81 -18.01
C GLN A 322 -6.50 -15.42 -19.48
N MET A 323 -5.68 -16.08 -20.31
CA MET A 323 -5.73 -15.84 -21.75
C MET A 323 -7.10 -16.22 -22.34
N ILE A 324 -7.67 -17.33 -21.84
CA ILE A 324 -9.01 -17.73 -22.26
C ILE A 324 -10.04 -16.69 -21.88
N GLN A 325 -9.98 -16.17 -20.64
CA GLN A 325 -10.97 -15.18 -20.20
C GLN A 325 -10.82 -13.84 -20.93
N THR A 326 -9.59 -13.42 -21.22
CA THR A 326 -9.42 -12.17 -21.94
C THR A 326 -9.60 -12.31 -23.45
N CYS A 327 -9.71 -13.53 -23.97
CA CYS A 327 -10.22 -13.67 -25.33
C CYS A 327 -11.74 -13.77 -25.36
N VAL A 328 -12.36 -14.38 -24.33
CA VAL A 328 -13.81 -14.48 -24.27
C VAL A 328 -14.45 -13.11 -24.08
N LEU A 329 -13.95 -12.33 -23.11
CA LEU A 329 -14.46 -10.97 -22.97
C LEU A 329 -13.94 -10.03 -24.05
N GLY A 330 -12.88 -10.41 -24.76
CA GLY A 330 -12.33 -9.54 -25.77
C GLY A 330 -13.14 -9.50 -27.06
N GLN A 331 -13.86 -10.58 -27.37
CA GLN A 331 -14.62 -10.65 -28.62
C GLN A 331 -15.74 -9.63 -28.69
N ASN A 332 -16.26 -9.20 -27.53
CA ASN A 332 -17.37 -8.26 -27.46
C ASN A 332 -16.85 -6.82 -27.55
N ALA A 333 -16.13 -6.49 -28.61
CA ALA A 333 -15.46 -5.22 -28.76
C ALA A 333 -16.04 -4.43 -29.93
N ARG A 334 -15.76 -3.12 -29.93
CA ARG A 334 -16.24 -2.25 -31.00
C ARG A 334 -15.45 -2.48 -32.28
N ASP A 335 -14.12 -2.38 -32.21
CA ASP A 335 -13.27 -2.66 -33.36
C ASP A 335 -13.30 -4.17 -33.65
N GLN A 336 -13.82 -4.53 -34.82
CA GLN A 336 -14.02 -5.94 -35.16
C GLN A 336 -12.75 -6.65 -35.60
N LYS A 337 -11.71 -5.92 -35.99
CA LYS A 337 -10.43 -6.54 -36.32
C LYS A 337 -9.78 -7.13 -35.07
N GLN A 338 -9.79 -6.37 -33.97
CA GLN A 338 -9.28 -6.86 -32.69
C GLN A 338 -10.12 -8.02 -32.18
N SER A 339 -11.45 -7.94 -32.37
CA SER A 339 -12.33 -9.04 -31.99
C SER A 339 -12.07 -10.30 -32.80
N GLU A 340 -11.74 -10.14 -34.08
CA GLU A 340 -11.38 -11.29 -34.91
C GLU A 340 -10.06 -11.92 -34.47
N MET A 341 -9.10 -11.08 -34.07
CA MET A 341 -7.83 -11.61 -33.54
C MET A 341 -8.02 -12.33 -32.21
N TYR A 342 -8.91 -11.81 -31.36
CA TYR A 342 -9.31 -12.50 -30.13
C TYR A 342 -9.96 -13.85 -30.43
N GLY A 343 -10.80 -13.91 -31.46
CA GLY A 343 -11.38 -15.17 -31.88
C GLY A 343 -10.35 -16.17 -32.40
N MET A 344 -9.36 -15.67 -33.16
CA MET A 344 -8.25 -16.50 -33.63
C MET A 344 -7.47 -17.12 -32.47
N TRP A 345 -7.13 -16.29 -31.48
CA TRP A 345 -6.34 -16.75 -30.34
C TRP A 345 -7.12 -17.77 -29.50
N LEU A 346 -8.41 -17.51 -29.28
CA LEU A 346 -9.24 -18.46 -28.54
C LEU A 346 -9.42 -19.76 -29.31
N GLU A 347 -9.51 -19.70 -30.64
CA GLU A 347 -9.61 -20.92 -31.44
C GLU A 347 -8.34 -21.73 -31.40
N LYS A 348 -7.17 -21.07 -31.39
CA LYS A 348 -5.90 -21.78 -31.28
C LYS A 348 -5.75 -22.48 -29.93
N ILE A 349 -6.15 -21.79 -28.84
CA ILE A 349 -6.13 -22.41 -27.51
C ILE A 349 -7.09 -23.60 -27.45
N HIS A 350 -8.28 -23.43 -28.05
CA HIS A 350 -9.29 -24.49 -28.09
C HIS A 350 -8.79 -25.72 -28.86
N GLY A 351 -8.10 -25.49 -29.98
CA GLY A 351 -7.55 -26.61 -30.74
C GLY A 351 -6.46 -27.36 -30.01
N ARG A 352 -5.57 -26.62 -29.31
CA ARG A 352 -4.50 -27.29 -28.57
C ARG A 352 -5.05 -28.09 -27.40
N VAL A 353 -6.05 -27.53 -26.69
CA VAL A 353 -6.64 -28.23 -25.55
C VAL A 353 -7.43 -29.46 -26.01
N MET A 354 -8.13 -29.38 -27.15
CA MET A 354 -8.80 -30.56 -27.65
C MET A 354 -7.83 -31.58 -28.23
N ARG A 355 -6.62 -31.15 -28.63
CA ARG A 355 -5.59 -32.11 -28.99
C ARG A 355 -5.07 -32.87 -27.78
N ASN A 356 -4.83 -32.18 -26.66
CA ASN A 356 -4.22 -32.91 -25.53
C ASN A 356 -5.26 -33.14 -24.43
N ALA A 357 -6.55 -33.12 -24.78
CA ALA A 357 -7.60 -33.21 -23.74
C ALA A 357 -7.46 -34.49 -22.92
N HIS A 358 -7.07 -35.59 -23.57
CA HIS A 358 -7.04 -36.89 -22.85
C HIS A 358 -6.20 -36.78 -21.58
N ARG A 359 -4.97 -36.26 -21.70
CA ARG A 359 -4.07 -36.21 -20.52
C ARG A 359 -4.52 -35.07 -19.59
N LEU A 360 -4.98 -33.97 -20.17
CA LEU A 360 -5.37 -32.81 -19.33
C LEU A 360 -6.47 -33.23 -18.37
N GLU A 361 -7.35 -34.14 -18.80
CA GLU A 361 -8.51 -34.52 -17.96
C GLU A 361 -8.04 -35.18 -16.67
N ARG A 362 -6.82 -35.71 -16.65
CA ARG A 362 -6.33 -36.44 -15.46
C ARG A 362 -6.23 -35.49 -14.26
N PHE A 363 -5.75 -34.26 -14.48
CA PHE A 363 -5.54 -33.32 -13.35
C PHE A 363 -6.59 -32.19 -13.41
N SER A 364 -6.88 -31.56 -12.28
CA SER A 364 -7.88 -30.47 -12.23
C SER A 364 -7.35 -29.28 -13.03
N SER A 365 -6.03 -29.13 -13.08
CA SER A 365 -5.44 -28.06 -13.90
C SER A 365 -6.15 -28.04 -15.26
N GLY A 366 -6.36 -29.22 -15.84
CA GLY A 366 -6.99 -29.32 -17.17
C GLY A 366 -8.50 -29.31 -17.09
N LYS A 367 -9.06 -29.92 -16.04
CA LYS A 367 -10.54 -30.01 -15.96
C LYS A 367 -11.10 -28.61 -16.02
N LYS A 368 -10.52 -27.68 -15.26
CA LYS A 368 -10.99 -26.27 -15.24
C LYS A 368 -10.82 -25.67 -16.62
N ILE A 369 -9.65 -25.81 -17.22
CA ILE A 369 -9.38 -25.21 -18.55
C ILE A 369 -10.45 -25.72 -19.52
N ILE A 370 -10.70 -27.03 -19.51
CA ILE A 370 -11.68 -27.62 -20.46
C ILE A 370 -13.06 -27.07 -20.15
N GLU A 371 -13.43 -27.06 -18.87
CA GLU A 371 -14.77 -26.58 -18.46
C GLU A 371 -14.98 -25.19 -19.07
N ALA A 372 -13.98 -24.33 -18.98
CA ALA A 372 -14.08 -22.96 -19.53
C ALA A 372 -14.24 -23.04 -21.05
N LEU A 373 -13.39 -23.84 -21.70
CA LEU A 373 -13.46 -23.96 -23.18
C LEU A 373 -14.79 -24.62 -23.57
N GLN A 374 -15.41 -25.35 -22.64
CA GLN A 374 -16.75 -25.93 -22.92
C GLN A 374 -17.79 -24.84 -22.75
N SER A 375 -17.73 -24.09 -21.65
CA SER A 375 -18.66 -22.93 -21.49
C SER A 375 -18.78 -22.25 -22.84
N MET A 376 -17.66 -21.87 -23.46
CA MET A 376 -17.69 -21.31 -24.81
C MET A 376 -17.51 -22.44 -25.82
N SER A 377 -18.58 -23.23 -25.96
CA SER A 377 -18.65 -24.46 -26.79
C SER A 377 -17.53 -25.46 -26.46
C1 GOL C . -8.49 18.93 11.85
O1 GOL C . -9.46 17.94 12.17
C2 GOL C . -8.21 18.97 10.36
O2 GOL C . -9.44 19.09 9.64
C3 GOL C . -7.26 20.08 9.96
O3 GOL C . -6.25 20.29 10.93
C1 GOL D . 6.51 9.72 -17.72
O1 GOL D . 6.29 11.09 -17.93
C2 GOL D . 7.62 9.24 -18.63
O2 GOL D . 8.53 10.31 -18.84
C3 GOL D . 8.30 8.03 -18.03
O3 GOL D . 9.70 8.16 -18.24
S SO4 E . 17.94 2.63 7.48
O1 SO4 E . 18.51 2.09 6.18
O2 SO4 E . 16.65 3.32 7.19
O3 SO4 E . 17.73 1.49 8.43
O4 SO4 E . 18.91 3.62 8.07
#